data_8C0T
#
_entry.id   8C0T
#
_cell.length_a   54.332
_cell.length_b   62.854
_cell.length_c   95.709
_cell.angle_alpha   90.00
_cell.angle_beta   90.00
_cell.angle_gamma   90.00
#
_symmetry.space_group_name_H-M   'P 21 21 21'
#
loop_
_entity.id
_entity.type
_entity.pdbx_description
1 polymer 'mNeonGreen,Optimized Ratiometric Calcium Sensor'
2 non-polymer 'CALCIUM ION'
3 non-polymer 'SULFATE ION'
4 water water
#
_entity_poly.entity_id   1
_entity_poly.type   'polypeptide(L)'
_entity_poly.pdbx_seq_one_letter_code
;MVSKGEEDNMGSLPATHELHIFGSINGVDFDMVGQGSGNPNDGYEELNLKSTKGDLQFSPWILVPHI(CR2)FHQYLPYP
DGMSPFQAAMVDGSGYQVHRTMQFEDGASLTVNYRYTYEGSHIKGEAQVKGTGFPADGPVMTNSLTAADLGWDSEEELSE
CFRIFDFDGNGFIDREEFGDIIRLTGEQLTDEDVDEIFGDSDTDKNGRIDFDEFLKMVENVQLTDNNRSKKTYPNDKTII
STYKWSYTTGNGKRYRSTAITTYTFAKPMAANYLKNQPMYVFRKTELKHSKTELNFKEWQKAFTD
;
_entity_poly.pdbx_strand_id   A
#
# COMPACT_ATOMS: atom_id res chain seq x y z
N GLY A 11 27.52 2.56 -0.33
CA GLY A 11 27.72 2.33 1.08
C GLY A 11 26.74 3.08 1.97
N SER A 12 25.84 3.83 1.35
CA SER A 12 24.99 4.76 2.07
C SER A 12 23.52 4.35 1.92
N LEU A 13 22.75 4.58 2.98
CA LEU A 13 21.31 4.62 2.85
C LEU A 13 20.91 5.92 2.14
N PRO A 14 19.72 5.97 1.59
CA PRO A 14 19.32 7.14 0.80
C PRO A 14 18.84 8.29 1.64
N ALA A 15 19.06 9.49 1.11
CA ALA A 15 18.48 10.71 1.60
C ALA A 15 17.67 11.46 0.55
N THR A 16 17.98 11.29 -0.73
CA THR A 16 17.28 11.98 -1.79
C THR A 16 17.10 11.05 -2.98
N HIS A 17 16.13 11.39 -3.81
CA HIS A 17 15.89 10.61 -5.00
C HIS A 17 15.29 11.46 -6.10
N GLU A 18 15.27 10.88 -7.28
CA GLU A 18 14.61 11.46 -8.43
C GLU A 18 13.98 10.33 -9.20
N LEU A 19 12.94 10.67 -9.95
CA LEU A 19 12.22 9.69 -10.72
C LEU A 19 11.87 10.23 -12.09
N HIS A 20 12.10 9.40 -13.12
CA HIS A 20 11.54 9.56 -14.45
C HIS A 20 10.57 8.40 -14.61
N ILE A 21 9.28 8.69 -14.73
CA ILE A 21 8.25 7.66 -14.88
C ILE A 21 7.48 7.98 -16.15
N PHE A 22 7.39 7.02 -17.05
CA PHE A 22 6.89 7.29 -18.39
C PHE A 22 6.37 5.99 -18.97
N GLY A 23 5.57 6.12 -20.00
CA GLY A 23 5.05 4.99 -20.72
C GLY A 23 3.72 5.36 -21.35
N SER A 24 2.77 4.45 -21.26
CA SER A 24 1.46 4.71 -21.83
C SER A 24 0.35 4.10 -20.99
N ILE A 25 -0.79 4.77 -21.01
CA ILE A 25 -2.03 4.29 -20.40
C ILE A 25 -3.07 4.28 -21.50
N ASN A 26 -3.65 3.12 -21.75
CA ASN A 26 -4.65 2.96 -22.82
C ASN A 26 -4.10 3.49 -24.15
N GLY A 27 -2.82 3.25 -24.38
CA GLY A 27 -2.20 3.61 -25.64
C GLY A 27 -1.75 5.04 -25.79
N VAL A 28 -1.96 5.90 -24.80
CA VAL A 28 -1.59 7.31 -24.86
C VAL A 28 -0.33 7.50 -24.01
N ASP A 29 0.71 8.09 -24.60
CA ASP A 29 1.98 8.24 -23.92
C ASP A 29 1.91 9.35 -22.87
N PHE A 30 2.65 9.15 -21.78
CA PHE A 30 2.85 10.16 -20.77
C PHE A 30 4.31 10.10 -20.31
N ASP A 31 4.75 11.16 -19.66
CA ASP A 31 6.13 11.25 -19.18
C ASP A 31 6.15 12.27 -18.06
N MET A 32 6.69 11.87 -16.91
CA MET A 32 6.80 12.76 -15.77
C MET A 32 8.20 12.64 -15.18
N VAL A 33 8.62 13.73 -14.59
CA VAL A 33 9.95 13.85 -13.99
C VAL A 33 9.86 14.63 -12.70
N GLY A 34 10.74 14.31 -11.76
CA GLY A 34 10.85 15.14 -10.58
C GLY A 34 11.77 14.53 -9.53
N GLN A 35 11.79 15.21 -8.40
CA GLN A 35 12.78 14.96 -7.36
C GLN A 35 12.08 14.93 -6.01
N GLY A 36 12.69 14.21 -5.08
CA GLY A 36 12.15 14.04 -3.76
C GLY A 36 13.22 13.67 -2.76
N SER A 37 12.76 13.25 -1.58
CA SER A 37 13.67 12.91 -0.51
C SER A 37 12.92 11.99 0.46
N GLY A 38 13.64 11.47 1.45
CA GLY A 38 12.98 10.64 2.44
C GLY A 38 13.91 10.33 3.59
N ASN A 39 13.39 9.56 4.52
CA ASN A 39 14.13 9.17 5.71
C ASN A 39 14.13 7.65 5.81
N PRO A 40 15.26 6.99 5.62
CA PRO A 40 15.30 5.53 5.55
C PRO A 40 15.24 4.88 6.93
N ASN A 41 15.35 5.66 8.00
CA ASN A 41 15.19 5.11 9.33
C ASN A 41 13.74 5.02 9.71
N ASP A 42 12.90 5.89 9.15
CA ASP A 42 11.50 5.96 9.52
C ASP A 42 10.54 5.52 8.42
N GLY A 43 11.01 5.41 7.17
CA GLY A 43 10.11 5.06 6.08
C GLY A 43 9.26 6.19 5.57
N TYR A 44 9.78 7.42 5.62
CA TYR A 44 9.08 8.58 5.09
C TYR A 44 9.62 8.90 3.71
N GLU A 45 8.72 9.22 2.78
CA GLU A 45 9.12 9.66 1.44
C GLU A 45 8.26 10.83 1.00
N GLU A 46 8.83 11.70 0.19
CA GLU A 46 8.10 12.76 -0.49
C GLU A 46 8.67 12.95 -1.88
N LEU A 47 7.78 13.21 -2.84
CA LEU A 47 8.21 13.30 -4.24
C LEU A 47 7.32 14.26 -5.00
N ASN A 48 7.93 15.07 -5.85
CA ASN A 48 7.21 15.93 -6.77
C ASN A 48 7.43 15.40 -8.17
N LEU A 49 6.37 15.40 -8.99
CA LEU A 49 6.49 14.99 -10.38
C LEU A 49 5.78 16.01 -11.27
N LYS A 50 6.34 16.28 -12.44
CA LYS A 50 5.75 17.18 -13.42
C LYS A 50 5.64 16.47 -14.75
N SER A 51 4.52 16.65 -15.43
CA SER A 51 4.38 16.12 -16.77
C SER A 51 5.20 16.93 -17.76
N THR A 52 5.84 16.23 -18.69
CA THR A 52 6.59 16.86 -19.76
C THR A 52 5.84 16.83 -21.07
N LYS A 53 4.66 16.21 -21.11
CA LYS A 53 3.88 16.05 -22.35
C LYS A 53 2.48 16.64 -22.28
N GLY A 54 2.26 17.63 -21.46
CA GLY A 54 0.94 18.22 -21.37
C GLY A 54 0.13 17.57 -20.27
N ASP A 55 -1.18 17.78 -20.33
CA ASP A 55 -2.04 17.36 -19.23
C ASP A 55 -2.12 15.84 -19.18
N LEU A 56 -2.03 15.31 -17.96
CA LEU A 56 -2.27 13.88 -17.80
C LEU A 56 -3.70 13.57 -18.19
N GLN A 57 -3.89 12.40 -18.79
CA GLN A 57 -5.19 11.97 -19.28
C GLN A 57 -5.82 10.87 -18.43
N PHE A 58 -5.23 10.58 -17.27
CA PHE A 58 -5.69 9.49 -16.41
C PHE A 58 -5.37 9.90 -14.99
N SER A 59 -6.00 9.22 -14.04
CA SER A 59 -5.79 9.49 -12.62
C SER A 59 -4.38 9.14 -12.21
N PRO A 60 -3.60 10.09 -11.67
CA PRO A 60 -2.27 9.72 -11.19
C PRO A 60 -2.31 8.88 -9.94
N TRP A 61 -3.48 8.65 -9.35
CA TRP A 61 -3.57 7.71 -8.24
C TRP A 61 -3.16 6.31 -8.66
N ILE A 62 -3.30 5.95 -9.94
CA ILE A 62 -2.86 4.62 -10.35
C ILE A 62 -1.34 4.48 -10.31
N LEU A 63 -0.61 5.59 -10.21
CA LEU A 63 0.83 5.54 -10.00
C LEU A 63 1.21 5.30 -8.55
N VAL A 64 0.23 5.21 -7.66
CA VAL A 64 0.41 4.89 -6.26
C VAL A 64 -0.04 3.46 -6.05
N PRO A 65 0.74 2.63 -5.39
CA PRO A 65 1.92 2.96 -4.57
C PRO A 65 3.24 2.90 -5.33
N HIS A 66 3.22 2.74 -6.65
CA HIS A 66 4.43 2.52 -7.42
C HIS A 66 5.47 3.61 -7.25
N ILE A 67 5.06 4.87 -7.06
CA ILE A 67 6.03 5.96 -7.02
C ILE A 67 6.64 6.06 -5.62
N PHE A 69 10.56 2.99 -4.23
CA PHE A 69 11.82 3.35 -3.58
C PHE A 69 11.95 2.70 -2.20
N HIS A 70 11.93 1.37 -2.17
CA HIS A 70 12.03 0.63 -0.92
C HIS A 70 13.35 0.80 -0.23
N GLN A 71 14.33 1.42 -0.86
CA GLN A 71 15.54 1.81 -0.16
C GLN A 71 15.27 2.76 1.00
N TYR A 72 14.09 3.37 1.04
CA TYR A 72 13.73 4.21 2.17
C TYR A 72 12.92 3.49 3.23
N LEU A 73 12.51 2.25 2.97
CA LEU A 73 11.48 1.59 3.76
C LEU A 73 12.10 0.46 4.58
N PRO A 74 12.32 0.68 5.89
CA PRO A 74 13.02 -0.33 6.70
C PRO A 74 12.08 -1.41 7.18
N TYR A 75 12.69 -2.47 7.70
CA TYR A 75 11.94 -3.50 8.39
C TYR A 75 11.85 -3.14 9.86
N PRO A 76 10.96 -3.78 10.61
CA PRO A 76 10.86 -3.48 12.04
C PRO A 76 12.19 -3.60 12.78
N ASP A 77 13.03 -4.55 12.41
CA ASP A 77 14.22 -4.87 13.17
C ASP A 77 15.50 -4.29 12.57
N GLY A 78 15.41 -3.54 11.48
CA GLY A 78 16.60 -3.03 10.81
C GLY A 78 16.35 -2.88 9.32
N MET A 79 17.43 -2.91 8.56
CA MET A 79 17.35 -2.68 7.12
C MET A 79 16.50 -3.74 6.44
N SER A 80 15.71 -3.31 5.48
CA SER A 80 15.06 -4.23 4.57
C SER A 80 16.08 -4.76 3.57
N PRO A 81 15.79 -5.86 2.87
CA PRO A 81 16.76 -6.35 1.88
C PRO A 81 17.02 -5.36 0.77
N PHE A 82 16.04 -4.50 0.48
CA PHE A 82 16.19 -3.46 -0.53
C PHE A 82 17.22 -2.44 -0.08
N GLN A 83 17.15 -2.03 1.19
CA GLN A 83 18.17 -1.14 1.73
C GLN A 83 19.55 -1.81 1.72
N ALA A 84 19.61 -3.08 2.13
CA ALA A 84 20.89 -3.78 2.15
C ALA A 84 21.52 -3.80 0.76
N ALA A 85 20.71 -3.99 -0.28
CA ALA A 85 21.25 -4.07 -1.63
C ALA A 85 21.71 -2.72 -2.15
N MET A 86 21.17 -1.62 -1.62
CA MET A 86 21.72 -0.33 -1.97
C MET A 86 23.03 -0.10 -1.23
N VAL A 87 23.06 -0.42 0.07
CA VAL A 87 24.25 -0.19 0.88
C VAL A 87 25.44 -0.96 0.35
N ASP A 88 25.24 -2.18 -0.11
CA ASP A 88 26.36 -2.95 -0.64
C ASP A 88 26.62 -2.70 -2.12
N GLY A 89 25.82 -1.85 -2.78
CA GLY A 89 26.03 -1.48 -4.16
C GLY A 89 25.45 -2.42 -5.19
N SER A 90 25.10 -3.65 -4.81
CA SER A 90 24.74 -4.65 -5.80
C SER A 90 23.38 -4.37 -6.43
N GLY A 91 22.43 -3.87 -5.65
CA GLY A 91 21.16 -3.42 -6.21
C GLY A 91 20.21 -4.52 -6.64
N TYR A 92 19.13 -4.05 -7.27
CA TYR A 92 18.01 -4.89 -7.66
C TYR A 92 17.18 -4.13 -8.68
N GLN A 93 16.35 -4.87 -9.41
CA GLN A 93 15.37 -4.33 -10.34
C GLN A 93 13.99 -4.81 -9.91
N VAL A 94 12.94 -4.13 -10.38
CA VAL A 94 11.58 -4.41 -9.95
C VAL A 94 10.64 -4.50 -11.12
N HIS A 95 9.77 -5.50 -11.09
CA HIS A 95 8.66 -5.67 -12.02
C HIS A 95 7.39 -5.64 -11.19
N ARG A 96 6.68 -4.52 -11.25
CA ARG A 96 5.45 -4.31 -10.49
C ARG A 96 4.26 -4.52 -11.41
N THR A 97 3.29 -5.29 -10.96
CA THR A 97 2.06 -5.43 -11.70
C THR A 97 0.86 -5.20 -10.79
N MET A 98 -0.21 -4.70 -11.40
CA MET A 98 -1.47 -4.47 -10.72
C MET A 98 -2.57 -4.94 -11.65
N GLN A 99 -3.46 -5.77 -11.12
CA GLN A 99 -4.58 -6.33 -11.88
C GLN A 99 -5.86 -5.78 -11.26
N PHE A 100 -6.69 -5.12 -12.05
CA PHE A 100 -7.85 -4.41 -11.54
C PHE A 100 -9.15 -5.21 -11.75
N GLU A 101 -10.15 -4.85 -10.93
CA GLU A 101 -11.40 -5.61 -10.91
C GLU A 101 -12.15 -5.57 -12.24
N ASP A 102 -11.88 -4.58 -13.09
CA ASP A 102 -12.54 -4.38 -14.37
C ASP A 102 -11.77 -5.01 -15.54
N GLY A 103 -10.74 -5.78 -15.26
CA GLY A 103 -9.91 -6.38 -16.29
C GLY A 103 -8.70 -5.57 -16.69
N ALA A 104 -8.57 -4.35 -16.22
CA ALA A 104 -7.41 -3.56 -16.60
C ALA A 104 -6.16 -4.12 -15.94
N SER A 105 -5.01 -3.77 -16.52
CA SER A 105 -3.73 -4.15 -15.96
C SER A 105 -2.70 -3.03 -16.12
N LEU A 106 -1.79 -3.00 -15.16
CA LEU A 106 -0.72 -2.02 -15.14
C LEU A 106 0.58 -2.72 -14.81
N THR A 107 1.61 -2.43 -15.58
CA THR A 107 2.96 -2.89 -15.32
C THR A 107 3.85 -1.69 -15.15
N VAL A 108 4.69 -1.72 -14.10
CA VAL A 108 5.66 -0.68 -13.84
C VAL A 108 6.99 -1.36 -13.60
N ASN A 109 7.96 -1.13 -14.49
CA ASN A 109 9.31 -1.70 -14.38
C ASN A 109 10.29 -0.64 -13.93
N TYR A 110 11.01 -0.94 -12.84
CA TYR A 110 11.95 0.00 -12.25
C TYR A 110 13.40 -0.45 -12.42
N ARG A 111 14.26 0.52 -12.68
CA ARG A 111 15.70 0.39 -12.55
C ARG A 111 16.19 1.59 -11.76
N TYR A 112 17.27 1.40 -11.02
CA TYR A 112 17.87 2.43 -10.19
C TYR A 112 19.37 2.49 -10.41
N THR A 113 19.92 3.69 -10.26
CA THR A 113 21.35 3.88 -10.06
C THR A 113 21.53 4.71 -8.80
N TYR A 114 22.71 4.59 -8.19
CA TYR A 114 22.99 5.25 -6.94
C TYR A 114 24.24 6.13 -7.06
N GLU A 115 24.18 7.30 -6.43
CA GLU A 115 25.32 8.19 -6.30
C GLU A 115 25.32 8.63 -4.83
N GLY A 116 26.15 7.96 -4.02
CA GLY A 116 26.11 8.21 -2.60
C GLY A 116 24.73 7.93 -2.05
N SER A 117 24.18 8.90 -1.32
CA SER A 117 22.86 8.79 -0.72
C SER A 117 21.75 9.20 -1.66
N HIS A 118 22.04 9.35 -2.94
CA HIS A 118 21.04 9.75 -3.92
C HIS A 118 20.66 8.58 -4.81
N ILE A 119 19.35 8.40 -5.02
CA ILE A 119 18.83 7.37 -5.90
C ILE A 119 18.31 8.04 -7.16
N LYS A 120 18.69 7.51 -8.31
CA LYS A 120 18.10 7.92 -9.58
C LYS A 120 17.29 6.76 -10.11
N GLY A 121 15.97 6.94 -10.16
CA GLY A 121 15.05 5.88 -10.51
C GLY A 121 14.41 6.14 -11.86
N GLU A 122 14.11 5.07 -12.57
CA GLU A 122 13.34 5.19 -13.79
C GLU A 122 12.31 4.08 -13.80
N ALA A 123 11.07 4.44 -14.09
CA ALA A 123 9.96 3.50 -14.11
C ALA A 123 9.29 3.57 -15.46
N GLN A 124 9.22 2.44 -16.15
CA GLN A 124 8.57 2.35 -17.45
C GLN A 124 7.23 1.67 -17.24
N VAL A 125 6.16 2.29 -17.75
CA VAL A 125 4.79 1.95 -17.37
C VAL A 125 3.98 1.54 -18.59
N LYS A 126 3.18 0.51 -18.44
CA LYS A 126 2.21 0.17 -19.48
C LYS A 126 0.90 -0.24 -18.82
N GLY A 127 -0.14 0.54 -19.07
CA GLY A 127 -1.46 0.29 -18.52
C GLY A 127 -2.41 0.09 -19.70
N THR A 128 -3.26 -0.92 -19.58
CA THR A 128 -4.21 -1.22 -20.66
C THR A 128 -5.51 -1.71 -20.07
N GLY A 129 -6.58 -1.57 -20.86
CA GLY A 129 -7.84 -2.15 -20.49
C GLY A 129 -8.67 -1.34 -19.53
N PHE A 130 -8.29 -0.09 -19.27
CA PHE A 130 -9.10 0.70 -18.37
C PHE A 130 -10.34 1.17 -19.12
N PRO A 131 -11.55 1.00 -18.57
CA PRO A 131 -12.74 1.50 -19.26
C PRO A 131 -12.63 2.99 -19.50
N ALA A 132 -13.02 3.41 -20.71
CA ALA A 132 -12.82 4.80 -21.08
C ALA A 132 -13.57 5.75 -20.16
N ASP A 133 -14.70 5.29 -19.61
CA ASP A 133 -15.54 6.11 -18.75
C ASP A 133 -15.41 5.75 -17.28
N GLY A 134 -14.42 4.94 -16.91
CA GLY A 134 -14.20 4.60 -15.53
C GLY A 134 -13.42 5.65 -14.77
N PRO A 135 -13.21 5.41 -13.47
CA PRO A 135 -12.61 6.44 -12.62
C PRO A 135 -11.14 6.70 -12.90
N VAL A 136 -10.42 5.72 -13.44
CA VAL A 136 -9.03 5.98 -13.81
C VAL A 136 -8.97 6.93 -15.00
N MET A 137 -9.66 6.60 -16.08
CA MET A 137 -9.51 7.39 -17.29
C MET A 137 -10.19 8.74 -17.20
N THR A 138 -11.05 8.95 -16.20
CA THR A 138 -11.72 10.22 -16.02
C THR A 138 -11.29 10.91 -14.74
N ASN A 139 -10.22 10.43 -14.10
CA ASN A 139 -9.56 11.16 -13.02
C ASN A 139 -10.53 11.41 -11.85
N SER A 140 -11.25 10.36 -11.43
CA SER A 140 -12.17 10.51 -10.30
C SER A 140 -11.85 9.57 -9.14
N LEU A 141 -10.64 9.04 -9.07
CA LEU A 141 -10.16 8.43 -7.85
C LEU A 141 -9.71 9.52 -6.88
N THR A 142 -9.80 9.22 -5.58
CA THR A 142 -9.47 10.19 -4.55
C THR A 142 -8.53 9.69 -3.46
N ALA A 143 -8.19 8.41 -3.45
CA ALA A 143 -7.31 7.86 -2.42
C ALA A 143 -6.90 6.46 -2.84
N ALA A 144 -5.88 5.96 -2.16
CA ALA A 144 -5.35 4.61 -2.38
C ALA A 144 -4.96 4.04 -1.04
N ASP A 145 -5.25 2.76 -0.83
CA ASP A 145 -5.06 2.11 0.46
C ASP A 145 -4.78 0.63 0.27
N LEU A 146 -3.95 0.09 1.17
CA LEU A 146 -3.76 -1.35 1.23
C LEU A 146 -5.05 -2.06 1.62
N GLY A 147 -5.29 -3.23 1.04
CA GLY A 147 -6.40 -4.06 1.42
C GLY A 147 -7.69 -3.76 0.66
N TRP A 148 -8.64 -4.69 0.79
CA TRP A 148 -9.93 -4.60 0.14
C TRP A 148 -11.06 -4.16 1.05
N ASP A 149 -10.80 -3.96 2.34
CA ASP A 149 -11.87 -3.59 3.25
C ASP A 149 -12.47 -2.26 2.84
N SER A 150 -13.77 -2.14 3.00
CA SER A 150 -14.45 -0.86 3.00
C SER A 150 -15.30 -0.77 4.27
N GLU A 151 -15.68 0.45 4.61
CA GLU A 151 -16.61 0.63 5.75
C GLU A 151 -17.92 -0.12 5.50
N GLU A 152 -18.41 -0.12 4.26
CA GLU A 152 -19.67 -0.83 4.00
C GLU A 152 -19.52 -2.33 4.24
N GLU A 153 -18.42 -2.93 3.78
CA GLU A 153 -18.23 -4.36 4.00
C GLU A 153 -18.04 -4.65 5.49
N LEU A 154 -17.34 -3.78 6.21
CA LEU A 154 -17.17 -4.01 7.64
C LEU A 154 -18.49 -3.79 8.40
N SER A 155 -19.37 -2.93 7.89
CA SER A 155 -20.70 -2.78 8.49
C SER A 155 -21.46 -4.09 8.43
N GLU A 156 -21.38 -4.81 7.31
CA GLU A 156 -22.09 -6.08 7.19
C GLU A 156 -21.57 -7.08 8.21
N CYS A 157 -20.25 -7.13 8.40
CA CYS A 157 -19.67 -7.99 9.41
C CYS A 157 -20.17 -7.63 10.81
N PHE A 158 -20.14 -6.35 11.14
CA PHE A 158 -20.61 -5.89 12.45
C PHE A 158 -22.02 -6.36 12.71
N ARG A 159 -22.89 -6.23 11.71
CA ARG A 159 -24.30 -6.56 11.91
C ARG A 159 -24.51 -8.05 12.12
N ILE A 160 -23.69 -8.90 11.49
CA ILE A 160 -23.82 -10.35 11.72
C ILE A 160 -23.66 -10.68 13.18
N PHE A 161 -22.67 -10.08 13.84
CA PHE A 161 -22.30 -10.48 15.17
C PHE A 161 -22.96 -9.66 16.27
N ASP A 162 -23.68 -8.62 15.91
CA ASP A 162 -24.49 -7.90 16.89
C ASP A 162 -25.78 -8.68 17.12
N PHE A 163 -25.67 -9.75 17.93
CA PHE A 163 -26.77 -10.71 18.07
C PHE A 163 -28.04 -10.05 18.60
N ASP A 164 -27.94 -9.30 19.70
CA ASP A 164 -29.14 -8.69 20.26
C ASP A 164 -29.61 -7.48 19.46
N GLY A 165 -28.90 -7.11 18.40
CA GLY A 165 -29.32 -6.06 17.50
C GLY A 165 -29.23 -4.64 18.02
N ASN A 166 -28.55 -4.42 19.15
CA ASN A 166 -28.61 -3.11 19.79
C ASN A 166 -27.63 -2.08 19.22
N GLY A 167 -26.91 -2.37 18.13
CA GLY A 167 -26.00 -1.42 17.54
C GLY A 167 -24.62 -1.38 18.16
N PHE A 168 -24.34 -2.26 19.12
CA PHE A 168 -23.04 -2.34 19.75
C PHE A 168 -22.67 -3.79 19.91
N ILE A 169 -21.37 -4.06 19.92
CA ILE A 169 -20.84 -5.38 20.25
C ILE A 169 -20.52 -5.39 21.73
N ASP A 170 -21.20 -6.22 22.49
CA ASP A 170 -20.87 -6.40 23.90
C ASP A 170 -19.83 -7.51 24.07
N ARG A 171 -19.37 -7.68 25.31
CA ARG A 171 -18.32 -8.67 25.56
C ARG A 171 -18.77 -10.07 25.12
N GLU A 172 -20.02 -10.43 25.37
CA GLU A 172 -20.50 -11.75 24.94
C GLU A 172 -20.41 -11.89 23.44
N GLU A 173 -20.88 -10.90 22.70
CA GLU A 173 -20.89 -10.97 21.25
C GLU A 173 -19.48 -10.92 20.67
N PHE A 174 -18.51 -10.39 21.41
CA PHE A 174 -17.19 -10.17 20.85
C PHE A 174 -16.44 -11.48 20.62
N GLY A 175 -16.73 -12.52 21.40
CA GLY A 175 -16.01 -13.77 21.24
C GLY A 175 -16.07 -14.32 19.82
N ASP A 176 -17.25 -14.34 19.23
CA ASP A 176 -17.39 -14.89 17.89
C ASP A 176 -16.75 -14.01 16.84
N ILE A 177 -16.58 -12.72 17.13
CA ILE A 177 -15.87 -11.84 16.21
C ILE A 177 -14.38 -12.11 16.25
N ILE A 178 -13.79 -12.09 17.44
CA ILE A 178 -12.33 -12.15 17.54
C ILE A 178 -11.81 -13.50 17.08
N ARG A 179 -12.66 -14.54 17.10
CA ARG A 179 -12.33 -15.83 16.52
C ARG A 179 -11.81 -15.73 15.09
N LEU A 180 -12.22 -14.69 14.37
CA LEU A 180 -11.90 -14.59 12.95
C LEU A 180 -10.41 -14.42 12.67
N THR A 181 -9.62 -14.08 13.69
CA THR A 181 -8.17 -14.04 13.48
C THR A 181 -7.57 -15.44 13.33
N GLY A 182 -8.30 -16.48 13.72
CA GLY A 182 -7.78 -17.83 13.71
C GLY A 182 -6.87 -18.17 14.85
N GLU A 183 -6.55 -17.21 15.71
CA GLU A 183 -5.57 -17.42 16.77
C GLU A 183 -6.24 -18.01 18.00
N GLN A 184 -5.51 -18.84 18.73
CA GLN A 184 -6.01 -19.44 19.95
C GLN A 184 -5.81 -18.44 21.08
N LEU A 185 -6.90 -17.94 21.64
CA LEU A 185 -6.86 -16.87 22.62
C LEU A 185 -7.60 -17.33 23.88
N THR A 186 -7.00 -17.04 25.03
CA THR A 186 -7.66 -17.31 26.29
C THR A 186 -8.78 -16.30 26.53
N ASP A 187 -9.63 -16.61 27.50
CA ASP A 187 -10.69 -15.68 27.86
C ASP A 187 -10.10 -14.31 28.24
N GLU A 188 -8.96 -14.30 28.93
CA GLU A 188 -8.35 -13.03 29.32
C GLU A 188 -7.61 -12.33 28.17
N ASP A 189 -7.07 -13.08 27.20
CA ASP A 189 -6.58 -12.42 25.99
C ASP A 189 -7.70 -11.64 25.33
N VAL A 190 -8.88 -12.26 25.26
CA VAL A 190 -10.03 -11.60 24.65
C VAL A 190 -10.46 -10.40 25.48
N ASP A 191 -10.48 -10.56 26.82
CA ASP A 191 -10.81 -9.42 27.68
C ASP A 191 -9.91 -8.22 27.40
N GLU A 192 -8.61 -8.46 27.23
CA GLU A 192 -7.69 -7.36 27.02
C GLU A 192 -7.97 -6.66 25.69
N ILE A 193 -8.18 -7.44 24.63
CA ILE A 193 -8.51 -6.85 23.33
C ILE A 193 -9.82 -6.07 23.42
N PHE A 194 -10.81 -6.64 24.09
CA PHE A 194 -12.10 -5.96 24.22
C PHE A 194 -11.91 -4.61 24.91
N GLY A 195 -11.22 -4.62 26.05
CA GLY A 195 -11.01 -3.37 26.77
C GLY A 195 -10.27 -2.34 25.95
N ASP A 196 -9.25 -2.77 25.21
CA ASP A 196 -8.48 -1.84 24.41
C ASP A 196 -9.30 -1.32 23.23
N SER A 197 -10.30 -2.09 22.78
CA SER A 197 -11.11 -1.67 21.65
C SER A 197 -12.21 -0.70 22.08
N ASP A 198 -12.64 -0.80 23.35
CA ASP A 198 -13.70 0.05 23.89
C ASP A 198 -13.04 1.32 24.39
N THR A 199 -12.75 2.23 23.44
CA THR A 199 -11.91 3.37 23.79
C THR A 199 -12.63 4.41 24.63
N ASP A 200 -13.95 4.46 24.61
CA ASP A 200 -14.68 5.39 25.47
C ASP A 200 -15.16 4.74 26.77
N LYS A 201 -14.81 3.49 27.01
CA LYS A 201 -15.06 2.82 28.29
C LYS A 201 -16.53 2.84 28.71
N ASN A 202 -17.42 2.59 27.75
CA ASN A 202 -18.82 2.37 28.07
C ASN A 202 -19.20 0.88 28.03
N GLY A 203 -18.23 -0.01 27.87
CA GLY A 203 -18.52 -1.43 27.98
C GLY A 203 -19.04 -2.08 26.72
N ARG A 204 -19.02 -1.35 25.61
CA ARG A 204 -19.59 -1.82 24.36
C ARG A 204 -18.73 -1.28 23.23
N ILE A 205 -18.60 -2.04 22.15
CA ILE A 205 -17.86 -1.61 20.97
C ILE A 205 -18.84 -1.07 19.94
N ASP A 206 -18.77 0.23 19.68
CA ASP A 206 -19.59 0.83 18.63
C ASP A 206 -18.89 0.64 17.28
N PHE A 207 -19.58 1.03 16.21
CA PHE A 207 -19.03 0.76 14.88
C PHE A 207 -17.70 1.45 14.66
N ASP A 208 -17.56 2.71 15.11
CA ASP A 208 -16.28 3.41 14.94
C ASP A 208 -15.16 2.69 15.68
N GLU A 209 -15.44 2.24 16.92
CA GLU A 209 -14.47 1.46 17.67
C GLU A 209 -14.18 0.13 16.97
N PHE A 210 -15.21 -0.48 16.37
CA PHE A 210 -15.02 -1.73 15.64
C PHE A 210 -14.05 -1.55 14.47
N LEU A 211 -14.23 -0.47 13.70
CA LEU A 211 -13.32 -0.22 12.59
C LEU A 211 -11.88 -0.14 13.06
N LYS A 212 -11.63 0.55 14.19
CA LYS A 212 -10.27 0.65 14.68
C LYS A 212 -9.77 -0.70 15.18
N MET A 213 -10.64 -1.47 15.84
CA MET A 213 -10.24 -2.79 16.31
C MET A 213 -9.85 -3.68 15.14
N VAL A 214 -10.59 -3.61 14.03
CA VAL A 214 -10.27 -4.45 12.88
C VAL A 214 -8.84 -4.19 12.44
N GLU A 215 -8.43 -2.92 12.39
CA GLU A 215 -7.08 -2.60 11.96
C GLU A 215 -6.07 -3.02 13.02
N ASN A 216 -6.39 -2.83 14.29
CA ASN A 216 -5.42 -3.08 15.34
C ASN A 216 -5.14 -4.57 15.51
N VAL A 217 -6.15 -5.42 15.35
CA VAL A 217 -5.97 -6.86 15.49
C VAL A 217 -5.85 -7.56 14.14
N GLN A 218 -5.96 -6.83 13.05
CA GLN A 218 -5.92 -7.41 11.72
C GLN A 218 -6.95 -8.52 11.59
N LEU A 219 -8.17 -8.21 12.02
CA LEU A 219 -9.26 -9.18 11.96
C LEU A 219 -9.48 -9.69 10.55
N THR A 220 -9.34 -8.80 9.57
CA THR A 220 -9.58 -9.10 8.17
C THR A 220 -8.29 -9.17 7.37
N ASP A 221 -7.14 -9.13 8.05
CA ASP A 221 -5.84 -9.19 7.37
C ASP A 221 -5.72 -8.11 6.30
N ASN A 222 -6.33 -6.94 6.54
CA ASN A 222 -6.39 -5.90 5.53
C ASN A 222 -5.01 -5.40 5.18
N ASN A 223 -4.08 -5.44 6.13
CA ASN A 223 -2.73 -4.91 5.91
C ASN A 223 -1.71 -6.01 5.67
N ARG A 224 -2.17 -7.23 5.41
CA ARG A 224 -1.25 -8.32 5.15
C ARG A 224 -0.55 -8.11 3.81
N SER A 225 0.75 -8.32 3.80
CA SER A 225 1.55 -8.23 2.59
C SER A 225 2.42 -9.46 2.57
N LYS A 226 2.13 -10.38 1.65
CA LYS A 226 2.79 -11.68 1.63
C LYS A 226 4.04 -11.65 0.78
N LYS A 227 5.12 -12.18 1.33
CA LYS A 227 6.36 -12.32 0.60
C LYS A 227 6.66 -13.79 0.40
N THR A 228 7.04 -14.14 -0.80
CA THR A 228 7.64 -15.44 -1.06
C THR A 228 8.98 -15.24 -1.73
N TYR A 229 9.80 -16.27 -1.68
CA TYR A 229 11.19 -16.23 -2.12
C TYR A 229 11.42 -17.39 -3.05
N PRO A 230 11.06 -17.27 -4.32
CA PRO A 230 11.17 -18.42 -5.23
C PRO A 230 12.59 -18.91 -5.38
N ASN A 231 13.56 -18.00 -5.35
CA ASN A 231 14.97 -18.36 -5.37
C ASN A 231 15.71 -17.29 -4.58
N ASP A 232 17.03 -17.49 -4.41
CA ASP A 232 17.76 -16.66 -3.47
C ASP A 232 18.01 -15.25 -3.98
N LYS A 233 17.57 -14.95 -5.19
CA LYS A 233 17.71 -13.60 -5.74
C LYS A 233 16.37 -12.93 -6.02
N THR A 234 15.26 -13.51 -5.54
CA THR A 234 13.93 -13.03 -5.88
C THR A 234 13.05 -12.89 -4.67
N ILE A 235 12.37 -11.75 -4.57
CA ILE A 235 11.27 -11.58 -3.63
C ILE A 235 10.03 -11.30 -4.46
N ILE A 236 8.95 -11.99 -4.17
CA ILE A 236 7.64 -11.64 -4.68
C ILE A 236 6.81 -11.14 -3.52
N SER A 237 6.32 -9.91 -3.63
CA SER A 237 5.41 -9.33 -2.68
C SER A 237 4.03 -9.31 -3.33
N THR A 238 3.02 -9.80 -2.62
CA THR A 238 1.68 -9.74 -3.16
C THR A 238 0.69 -9.36 -2.08
N TYR A 239 -0.31 -8.59 -2.50
CA TYR A 239 -1.27 -8.02 -1.57
C TYR A 239 -2.46 -7.51 -2.34
N LYS A 240 -3.53 -7.29 -1.58
CA LYS A 240 -4.75 -6.68 -2.07
C LYS A 240 -4.64 -5.18 -1.89
N TRP A 241 -5.23 -4.44 -2.82
CA TRP A 241 -5.10 -3.00 -2.86
C TRP A 241 -6.44 -2.40 -3.28
N SER A 242 -6.68 -1.15 -2.92
CA SER A 242 -7.90 -0.50 -3.39
C SER A 242 -7.71 0.99 -3.57
N TYR A 243 -8.57 1.55 -4.40
CA TYR A 243 -8.67 2.99 -4.60
C TYR A 243 -10.07 3.45 -4.24
N THR A 244 -10.17 4.65 -3.71
CA THR A 244 -11.47 5.25 -3.43
C THR A 244 -11.93 6.03 -4.64
N THR A 245 -13.21 5.85 -4.98
CA THR A 245 -13.80 6.51 -6.13
C THR A 245 -14.69 7.66 -5.69
N GLY A 246 -15.30 8.30 -6.69
CA GLY A 246 -16.01 9.54 -6.46
C GLY A 246 -17.30 9.34 -5.72
N ASN A 247 -17.94 8.18 -5.89
CA ASN A 247 -19.10 7.85 -5.06
C ASN A 247 -18.73 7.01 -3.83
N GLY A 248 -17.49 7.10 -3.34
CA GLY A 248 -17.10 6.50 -2.09
C GLY A 248 -16.83 5.02 -2.14
N LYS A 249 -17.24 4.34 -3.20
CA LYS A 249 -17.09 2.90 -3.36
C LYS A 249 -15.66 2.57 -3.73
N ARG A 250 -15.25 1.33 -3.46
CA ARG A 250 -13.86 0.96 -3.68
C ARG A 250 -13.66 0.30 -5.04
N TYR A 251 -12.55 0.67 -5.65
CA TYR A 251 -12.07 0.10 -6.89
C TYR A 251 -10.86 -0.76 -6.53
N ARG A 252 -11.02 -2.06 -6.66
CA ARG A 252 -10.11 -3.02 -6.05
C ARG A 252 -9.17 -3.62 -7.08
N SER A 253 -7.97 -3.95 -6.60
CA SER A 253 -6.95 -4.54 -7.45
C SER A 253 -6.09 -5.49 -6.65
N THR A 254 -5.28 -6.27 -7.37
CA THR A 254 -4.31 -7.18 -6.78
C THR A 254 -2.92 -6.77 -7.26
N ALA A 255 -1.98 -6.67 -6.32
CA ALA A 255 -0.61 -6.29 -6.63
C ALA A 255 0.31 -7.50 -6.55
N ILE A 256 1.19 -7.62 -7.54
CA ILE A 256 2.29 -8.59 -7.51
C ILE A 256 3.52 -7.82 -7.90
N THR A 257 4.49 -7.76 -7.00
CA THR A 257 5.75 -7.09 -7.25
C THR A 257 6.86 -8.10 -7.16
N THR A 258 7.63 -8.24 -8.24
CA THR A 258 8.77 -9.15 -8.28
C THR A 258 10.08 -8.36 -8.26
N TYR A 259 10.89 -8.58 -7.23
CA TYR A 259 12.21 -7.99 -7.11
C TYR A 259 13.25 -9.00 -7.55
N THR A 260 14.17 -8.57 -8.41
CA THR A 260 15.29 -9.42 -8.84
C THR A 260 16.57 -8.75 -8.37
N PHE A 261 17.27 -9.40 -7.45
CA PHE A 261 18.50 -8.90 -6.88
C PHE A 261 19.69 -9.40 -7.69
N ALA A 262 20.73 -8.56 -7.76
CA ALA A 262 21.94 -8.95 -8.47
C ALA A 262 22.72 -10.00 -7.68
N LYS A 263 22.63 -9.96 -6.36
CA LYS A 263 23.34 -10.88 -5.49
C LYS A 263 22.33 -11.54 -4.57
N PRO A 264 22.59 -12.76 -4.13
CA PRO A 264 21.67 -13.40 -3.18
C PRO A 264 21.44 -12.52 -1.96
N MET A 265 20.18 -12.46 -1.51
CA MET A 265 19.90 -11.76 -0.27
C MET A 265 20.61 -12.46 0.88
N ALA A 266 20.93 -11.70 1.91
CA ALA A 266 21.53 -12.27 3.11
C ALA A 266 20.59 -13.31 3.70
N ALA A 267 21.19 -14.36 4.27
CA ALA A 267 20.41 -15.51 4.74
C ALA A 267 19.28 -15.08 5.66
N ASN A 268 19.52 -14.07 6.48
CA ASN A 268 18.50 -13.58 7.41
C ASN A 268 17.67 -12.47 6.79
N MET A 275 3.62 -11.07 7.67
CA MET A 275 3.96 -9.67 7.82
C MET A 275 2.87 -8.73 7.28
N TYR A 276 2.93 -7.52 7.84
CA TYR A 276 1.91 -6.51 7.66
C TYR A 276 2.61 -5.21 7.32
N VAL A 277 1.92 -4.38 6.56
CA VAL A 277 2.42 -3.09 6.15
C VAL A 277 1.44 -2.02 6.59
N PHE A 278 1.94 -0.99 7.26
CA PHE A 278 1.13 0.12 7.74
C PHE A 278 1.77 1.39 7.19
N ARG A 279 1.31 1.78 6.03
CA ARG A 279 1.77 3.00 5.39
C ARG A 279 0.55 3.82 4.99
N LYS A 280 0.75 5.13 4.96
CA LYS A 280 -0.25 6.05 4.48
C LYS A 280 0.35 6.78 3.29
N THR A 281 -0.49 7.11 2.32
CA THR A 281 -0.07 7.89 1.17
C THR A 281 -0.94 9.14 1.04
N GLU A 282 -0.37 10.17 0.45
CA GLU A 282 -1.11 11.37 0.13
C GLU A 282 -0.67 11.78 -1.26
N LEU A 283 -1.62 12.18 -2.08
CA LEU A 283 -1.32 12.68 -3.42
C LEU A 283 -2.14 13.92 -3.69
N LYS A 284 -1.47 15.06 -3.89
CA LYS A 284 -2.13 16.26 -4.37
C LYS A 284 -1.73 16.38 -5.84
N HIS A 285 -2.69 16.65 -6.71
CA HIS A 285 -2.39 16.58 -8.13
C HIS A 285 -3.23 17.54 -8.95
N SER A 286 -2.59 18.27 -9.83
CA SER A 286 -3.25 18.95 -10.93
C SER A 286 -3.12 18.08 -12.17
N LYS A 287 -3.47 18.62 -13.34
CA LYS A 287 -3.25 17.89 -14.57
C LYS A 287 -1.78 17.77 -14.94
N THR A 288 -0.93 18.63 -14.40
CA THR A 288 0.45 18.65 -14.82
C THR A 288 1.46 18.39 -13.72
N GLU A 289 1.06 18.38 -12.46
CA GLU A 289 2.02 18.28 -11.38
C GLU A 289 1.40 17.51 -10.23
N LEU A 290 2.20 16.71 -9.56
CA LEU A 290 1.75 16.05 -8.36
C LEU A 290 2.78 16.16 -7.25
N ASN A 291 2.28 16.10 -6.02
CA ASN A 291 3.08 16.06 -4.82
C ASN A 291 2.61 14.87 -4.01
N PHE A 292 3.53 13.94 -3.79
CA PHE A 292 3.25 12.66 -3.15
C PHE A 292 3.99 12.61 -1.82
N LYS A 293 3.34 12.05 -0.81
CA LYS A 293 3.97 11.78 0.46
C LYS A 293 3.56 10.40 0.95
N GLU A 294 4.47 9.72 1.62
CA GLU A 294 4.24 8.40 2.18
C GLU A 294 4.82 8.36 3.59
N TRP A 295 4.05 7.77 4.51
CA TRP A 295 4.48 7.65 5.88
C TRP A 295 4.34 6.21 6.33
N GLN A 296 5.36 5.67 6.97
CA GLN A 296 5.30 4.32 7.53
C GLN A 296 5.07 4.41 9.04
N LYS A 297 4.16 3.60 9.55
CA LYS A 297 3.85 3.67 10.97
C LYS A 297 5.08 3.26 11.78
N ALA A 298 5.38 4.02 12.83
CA ALA A 298 6.51 3.73 13.69
C ALA A 298 6.29 2.40 14.42
#